data_3LQC
#
_entry.id   3LQC
#
_cell.length_a   75.240
_cell.length_b   75.240
_cell.length_c   126.160
_cell.angle_alpha   90.000
_cell.angle_beta   90.000
_cell.angle_gamma   120.000
#
_symmetry.space_group_name_H-M   'P 31 2 1'
#
loop_
_entity.id
_entity.type
_entity.pdbx_description
1 polymer 'DNA repair protein XRCC1'
2 polymer 'DNA polymerase beta'
3 non-polymer 'SODIUM ION'
4 non-polymer 'CARBONATE ION'
5 water water
#
loop_
_entity_poly.entity_id
_entity_poly.type
_entity_poly.pdbx_seq_one_letter_code
_entity_poly.pdbx_strand_id
1 'polypeptide(L)'
;MPEIRLRHVVSCSSQDSTHCAENLLKADTYRKWRAAKAGEKTISVVLQLEKEEQIHSVDIGNDGSAFVEVLVGSSAGGAG
EQDYEVLLVTSSFMSPSESRSGSNPNRVRMFGPDKLVRAAAEKRWDRVKIVCSQPYSKDSPFGLSFVRFHSPPDKDEAEA
PSQKVTVTKLGQFRVKEEDESANHHHHHH
;
A
2 'polypeptide(L)'
;YFEDFEKRIPREEMLQMQDIVLNEVKKLDPEYIATVCGSFRRGAESSGDMDVLLTHPNFTSESSKQPKLLHRVVEQLQKV
RFITDTLSKGETKFMGVCQLPSENDENEYPHRRIDIRLIPKDQYYCGVLYFTGSDIFNKNMRAHALEKGFTINEYTIRPL
GVTGVAGEPLPVDSEQDIFDYIQWRYREPKDRSEHHHHHH
;
B
#
# COMPACT_ATOMS: atom_id res chain seq x y z
N PRO A 2 -17.98 13.09 2.21
CA PRO A 2 -17.80 12.08 3.27
C PRO A 2 -18.85 12.29 4.34
N GLU A 3 -19.34 13.52 4.42
CA GLU A 3 -20.46 13.85 5.28
C GLU A 3 -20.91 15.24 4.88
N ILE A 4 -22.16 15.58 5.17
CA ILE A 4 -22.75 16.78 4.56
C ILE A 4 -21.99 18.08 4.84
N ARG A 5 -21.44 18.20 6.05
CA ARG A 5 -20.75 19.43 6.45
C ARG A 5 -19.38 19.58 5.79
N LEU A 6 -18.91 18.49 5.16
CA LEU A 6 -17.64 18.51 4.45
C LEU A 6 -17.86 18.46 2.95
N ARG A 7 -19.11 18.61 2.54
CA ARG A 7 -19.49 18.43 1.15
C ARG A 7 -20.08 19.71 0.57
N HIS A 8 -19.49 20.20 -0.51
CA HIS A 8 -20.03 21.33 -1.23
C HIS A 8 -20.81 20.85 -2.45
N VAL A 9 -22.14 20.96 -2.38
CA VAL A 9 -23.02 20.51 -3.44
C VAL A 9 -23.36 21.68 -4.38
N VAL A 10 -23.25 21.45 -5.68
CA VAL A 10 -23.70 22.45 -6.63
C VAL A 10 -24.45 21.85 -7.81
N SER A 11 -25.34 22.68 -8.38
CA SER A 11 -26.07 22.34 -9.60
C SER A 11 -25.30 22.80 -10.82
N CYS A 12 -25.18 21.92 -11.81
CA CYS A 12 -24.48 22.20 -13.05
C CYS A 12 -25.50 22.38 -14.16
N SER A 13 -26.21 23.49 -14.13
CA SER A 13 -27.39 23.62 -14.97
C SER A 13 -27.10 23.58 -16.46
N SER A 14 -26.60 24.67 -17.00
CA SER A 14 -26.33 24.73 -18.43
C SER A 14 -24.85 24.52 -18.68
N GLN A 15 -24.33 23.46 -18.08
CA GLN A 15 -22.93 23.13 -18.22
C GLN A 15 -22.71 21.65 -17.92
N ASP A 16 -21.75 21.04 -18.60
CA ASP A 16 -21.38 19.67 -18.28
C ASP A 16 -20.45 19.64 -17.06
N SER A 17 -20.28 18.45 -16.50
CA SER A 17 -19.43 18.24 -15.34
C SER A 17 -18.12 19.03 -15.39
N THR A 18 -17.42 18.94 -16.52
CA THR A 18 -16.16 19.65 -16.70
C THR A 18 -16.31 21.16 -16.54
N HIS A 19 -17.32 21.74 -17.16
CA HIS A 19 -17.54 23.19 -17.08
C HIS A 19 -18.01 23.59 -15.68
N CYS A 20 -18.84 22.74 -15.10
CA CYS A 20 -19.38 22.97 -13.77
C CYS A 20 -18.23 23.01 -12.75
N ALA A 21 -17.32 22.05 -12.84
CA ALA A 21 -16.15 22.01 -11.96
C ALA A 21 -15.26 23.24 -12.12
N GLU A 22 -14.88 23.55 -13.34
CA GLU A 22 -13.99 24.66 -13.59
C GLU A 22 -14.56 25.92 -12.97
N ASN A 23 -15.85 26.13 -13.17
CA ASN A 23 -16.53 27.28 -12.60
C ASN A 23 -16.67 27.19 -11.08
N LEU A 24 -16.86 25.98 -10.58
CA LEU A 24 -16.99 25.81 -9.15
C LEU A 24 -15.68 26.20 -8.49
N LEU A 25 -14.58 25.67 -9.01
CA LEU A 25 -13.29 25.79 -8.33
C LEU A 25 -12.78 27.23 -8.27
N LYS A 26 -13.10 28.03 -9.29
CA LYS A 26 -12.69 29.42 -9.29
C LYS A 26 -13.80 30.33 -8.76
N ALA A 27 -14.82 29.73 -8.15
CA ALA A 27 -15.98 30.50 -7.69
C ALA A 27 -15.77 31.03 -6.29
N ASP A 28 -16.13 32.29 -6.11
CA ASP A 28 -15.92 32.96 -4.84
C ASP A 28 -16.67 32.26 -3.70
N THR A 29 -17.89 31.82 -4.00
CA THR A 29 -18.69 31.13 -3.01
C THR A 29 -17.99 29.86 -2.53
N TYR A 30 -17.36 29.13 -3.46
CA TYR A 30 -16.63 27.92 -3.13
C TYR A 30 -15.41 28.24 -2.29
N ARG A 31 -14.66 29.24 -2.72
CA ARG A 31 -13.45 29.64 -2.02
C ARG A 31 -13.77 30.08 -0.59
N LYS A 32 -14.90 30.74 -0.41
CA LYS A 32 -15.32 31.16 0.92
C LYS A 32 -15.75 29.94 1.74
N TRP A 33 -16.47 29.02 1.11
CA TRP A 33 -16.87 27.79 1.77
C TRP A 33 -15.64 26.99 2.18
N ARG A 34 -14.68 26.90 1.26
CA ARG A 34 -13.45 26.16 1.52
C ARG A 34 -12.68 26.81 2.66
N ALA A 35 -12.66 28.14 2.66
CA ALA A 35 -12.05 28.88 3.76
C ALA A 35 -12.71 28.51 5.09
N ALA A 36 -14.04 28.45 5.11
CA ALA A 36 -14.77 28.10 6.32
C ALA A 36 -14.48 26.68 6.82
N LYS A 37 -13.91 25.85 5.95
CA LYS A 37 -13.64 24.46 6.27
C LYS A 37 -12.15 24.21 6.50
N ALA A 38 -11.39 25.28 6.68
CA ALA A 38 -9.98 25.15 6.99
C ALA A 38 -9.79 24.30 8.24
N GLY A 39 -8.76 23.46 8.23
CA GLY A 39 -8.46 22.62 9.39
C GLY A 39 -9.09 21.25 9.29
N GLU A 40 -9.81 21.01 8.21
CA GLU A 40 -10.51 19.77 7.98
C GLU A 40 -9.68 18.77 7.16
N LYS A 41 -9.68 17.50 7.58
CA LYS A 41 -8.87 16.45 6.98
C LYS A 41 -9.37 15.99 5.61
N THR A 42 -10.67 16.20 5.35
CA THR A 42 -11.22 15.82 4.06
C THR A 42 -12.39 16.72 3.66
N ILE A 43 -12.49 17.01 2.37
CA ILE A 43 -13.64 17.74 1.85
C ILE A 43 -14.06 17.12 0.53
N SER A 44 -15.33 17.28 0.16
CA SER A 44 -15.77 16.87 -1.16
C SER A 44 -16.60 17.97 -1.81
N VAL A 45 -16.66 17.94 -3.15
CA VAL A 45 -17.67 18.70 -3.87
C VAL A 45 -18.54 17.70 -4.60
N VAL A 46 -19.83 18.02 -4.73
CA VAL A 46 -20.72 17.19 -5.51
C VAL A 46 -21.27 18.00 -6.67
N LEU A 47 -21.11 17.44 -7.86
CA LEU A 47 -21.67 18.03 -9.07
C LEU A 47 -22.99 17.35 -9.36
N GLN A 48 -24.06 18.13 -9.29
CA GLN A 48 -25.38 17.68 -9.67
C GLN A 48 -25.62 17.99 -11.14
N LEU A 49 -25.55 16.97 -11.98
CA LEU A 49 -25.67 17.16 -13.41
C LEU A 49 -27.13 17.17 -13.83
N GLU A 50 -27.45 18.05 -14.78
CA GLU A 50 -28.81 18.13 -15.30
C GLU A 50 -29.06 16.93 -16.23
N LYS A 51 -28.07 16.62 -17.05
CA LYS A 51 -28.17 15.45 -17.91
C LYS A 51 -27.15 14.42 -17.46
N GLU A 52 -27.63 13.20 -17.23
CA GLU A 52 -26.74 12.12 -16.84
C GLU A 52 -25.72 11.95 -17.95
N GLU A 53 -24.46 11.72 -17.58
CA GLU A 53 -23.43 11.53 -18.60
C GLU A 53 -22.57 10.30 -18.33
N GLN A 54 -21.94 9.78 -19.38
CA GLN A 54 -21.04 8.64 -19.25
C GLN A 54 -19.62 9.17 -19.25
N ILE A 55 -18.84 8.77 -18.24
CA ILE A 55 -17.50 9.31 -18.09
C ILE A 55 -16.44 8.36 -18.61
N HIS A 56 -15.84 8.73 -19.74
CA HIS A 56 -14.84 7.92 -20.41
C HIS A 56 -13.56 7.84 -19.59
N SER A 57 -13.04 9.01 -19.22
CA SER A 57 -11.80 9.12 -18.49
C SER A 57 -11.80 10.39 -17.66
N VAL A 58 -10.84 10.52 -16.75
CA VAL A 58 -10.80 11.64 -15.81
C VAL A 58 -9.39 12.19 -15.63
N ASP A 59 -9.23 13.50 -15.80
CA ASP A 59 -7.95 14.16 -15.55
C ASP A 59 -8.09 15.02 -14.30
N ILE A 60 -7.12 14.90 -13.40
CA ILE A 60 -7.18 15.57 -12.11
C ILE A 60 -5.91 16.37 -11.86
N GLY A 61 -6.08 17.63 -11.52
CA GLY A 61 -4.96 18.49 -11.19
C GLY A 61 -5.01 18.82 -9.71
N ASN A 62 -4.04 18.32 -8.95
CA ASN A 62 -4.08 18.47 -7.52
C ASN A 62 -3.85 19.91 -7.08
N ASP A 63 -4.38 20.26 -5.92
CA ASP A 63 -4.01 21.49 -5.26
C ASP A 63 -3.84 21.24 -3.77
N GLY A 64 -2.87 20.38 -3.45
CA GLY A 64 -2.46 20.16 -2.08
C GLY A 64 -3.15 19.00 -1.37
N SER A 65 -3.91 18.21 -2.12
CA SER A 65 -4.57 17.04 -1.56
C SER A 65 -3.59 15.88 -1.51
N ALA A 66 -3.71 15.02 -0.49
CA ALA A 66 -2.93 13.81 -0.43
C ALA A 66 -3.56 12.72 -1.27
N PHE A 67 -4.89 12.61 -1.19
CA PHE A 67 -5.64 11.61 -1.94
C PHE A 67 -6.82 12.25 -2.62
N VAL A 68 -7.22 11.71 -3.76
CA VAL A 68 -8.44 12.13 -4.43
C VAL A 68 -9.22 10.90 -4.88
N GLU A 69 -10.55 10.96 -4.71
CA GLU A 69 -11.42 9.86 -5.11
C GLU A 69 -12.60 10.44 -5.89
N VAL A 70 -13.06 9.72 -6.91
CA VAL A 70 -14.23 10.16 -7.64
C VAL A 70 -15.30 9.09 -7.58
N LEU A 71 -16.46 9.46 -7.07
CA LEU A 71 -17.60 8.56 -7.01
C LEU A 71 -18.75 9.12 -7.85
N VAL A 72 -19.65 8.24 -8.27
CA VAL A 72 -20.77 8.66 -9.11
C VAL A 72 -22.05 8.13 -8.53
N GLY A 73 -23.15 8.80 -8.84
CA GLY A 73 -24.44 8.40 -8.31
C GLY A 73 -25.55 8.72 -9.28
N SER A 74 -26.71 8.13 -9.04
CA SER A 74 -27.86 8.31 -9.91
C SER A 74 -28.97 8.86 -9.05
N SER A 75 -29.40 10.08 -9.33
CA SER A 75 -30.34 10.77 -8.45
C SER A 75 -31.73 10.16 -8.46
N ALA A 76 -32.18 9.71 -9.61
CA ALA A 76 -33.51 9.11 -9.72
C ALA A 76 -33.66 7.98 -8.71
N GLY A 77 -34.72 8.04 -7.91
CA GLY A 77 -34.94 7.05 -6.87
C GLY A 77 -34.36 7.47 -5.53
N GLY A 78 -33.45 8.45 -5.58
CA GLY A 78 -32.80 8.91 -4.37
C GLY A 78 -31.37 8.42 -4.36
N ALA A 79 -30.54 9.00 -3.51
CA ALA A 79 -29.15 8.62 -3.47
C ALA A 79 -28.47 9.10 -2.20
N GLY A 80 -28.37 8.22 -1.21
CA GLY A 80 -27.60 8.51 -0.02
C GLY A 80 -26.13 8.26 -0.27
N GLU A 81 -25.32 8.50 0.75
CA GLU A 81 -23.88 8.36 0.66
C GLU A 81 -23.47 6.96 0.19
N GLN A 82 -24.13 5.94 0.72
CA GLN A 82 -23.77 4.57 0.43
C GLN A 82 -24.13 4.14 -0.99
N ASP A 83 -25.06 4.86 -1.62
CA ASP A 83 -25.49 4.51 -2.96
C ASP A 83 -24.52 5.03 -4.02
N TYR A 84 -23.51 5.78 -3.61
CA TYR A 84 -22.49 6.20 -4.58
C TYR A 84 -21.60 5.04 -4.95
N GLU A 85 -21.27 4.97 -6.23
CA GLU A 85 -20.43 3.94 -6.76
C GLU A 85 -19.08 4.59 -7.04
N VAL A 86 -17.98 3.89 -6.76
CA VAL A 86 -16.66 4.44 -7.06
C VAL A 86 -16.39 4.44 -8.56
N LEU A 87 -16.01 5.59 -9.08
CA LEU A 87 -15.57 5.69 -10.45
C LEU A 87 -14.05 5.63 -10.49
N LEU A 88 -13.41 6.59 -9.82
CA LEU A 88 -11.96 6.54 -9.67
C LEU A 88 -11.62 6.28 -8.21
N VAL A 89 -10.98 5.14 -7.98
CA VAL A 89 -10.61 4.73 -6.65
CA VAL A 89 -10.61 4.67 -6.75
C VAL A 89 -9.68 5.77 -5.99
N THR A 90 -9.72 5.84 -4.66
CA THR A 90 -8.89 6.82 -3.95
C THR A 90 -7.41 6.74 -4.38
N SER A 91 -6.91 7.84 -4.91
CA SER A 91 -5.60 7.85 -5.56
C SER A 91 -4.64 8.87 -4.96
N SER A 92 -3.37 8.52 -4.94
CA SER A 92 -2.33 9.30 -4.29
C SER A 92 -1.87 10.49 -5.13
N PHE A 93 -1.69 11.63 -4.48
CA PHE A 93 -1.20 12.83 -5.15
C PHE A 93 -0.04 13.44 -4.36
N MET A 94 0.00 13.17 -3.06
CA MET A 94 1.12 13.59 -2.23
C MET A 94 1.39 12.55 -1.17
N SER A 95 2.66 12.40 -0.80
CA SER A 95 3.04 11.57 0.34
C SER A 95 2.80 12.37 1.60
N PRO A 96 2.79 11.69 2.76
CA PRO A 96 2.73 12.40 4.04
C PRO A 96 3.88 13.41 4.20
N SER A 97 5.09 13.03 3.79
CA SER A 97 6.26 13.93 3.83
C SER A 97 5.97 15.17 2.99
N GLU A 98 5.61 14.93 1.74
CA GLU A 98 5.34 16.01 0.80
C GLU A 98 4.23 16.89 1.33
N SER A 99 3.20 16.26 1.88
CA SER A 99 2.06 16.97 2.45
C SER A 99 2.56 17.95 3.49
N ARG A 100 3.45 17.48 4.37
CA ARG A 100 3.99 18.31 5.44
C ARG A 100 4.95 19.39 4.93
N SER A 101 5.72 19.07 3.88
CA SER A 101 6.73 20.00 3.39
C SER A 101 6.21 20.94 2.30
N GLY A 102 4.97 20.70 1.86
CA GLY A 102 4.37 21.48 0.79
C GLY A 102 4.98 21.21 -0.57
N SER A 103 5.74 20.12 -0.69
CA SER A 103 6.41 19.80 -1.95
C SER A 103 5.50 19.06 -2.92
N ASN A 104 5.58 19.41 -4.20
CA ASN A 104 4.76 18.80 -5.23
C ASN A 104 3.26 18.76 -4.90
N PRO A 105 2.68 19.94 -4.64
CA PRO A 105 1.24 20.02 -4.31
C PRO A 105 0.35 19.97 -5.54
N ASN A 106 0.94 20.08 -6.73
CA ASN A 106 0.15 20.28 -7.93
C ASN A 106 0.29 19.18 -8.98
N ARG A 107 0.51 17.96 -8.53
CA ARG A 107 0.63 16.86 -9.48
C ARG A 107 -0.62 16.76 -10.34
N VAL A 108 -0.43 16.42 -11.62
CA VAL A 108 -1.54 16.11 -12.50
C VAL A 108 -1.49 14.63 -12.86
N ARG A 109 -2.63 13.97 -12.76
CA ARG A 109 -2.72 12.59 -13.22
C ARG A 109 -3.93 12.40 -14.13
N MET A 110 -3.71 11.69 -15.23
CA MET A 110 -4.76 11.34 -16.17
C MET A 110 -5.17 9.91 -15.89
N PHE A 111 -6.47 9.65 -15.88
CA PHE A 111 -6.98 8.30 -15.66
C PHE A 111 -7.89 7.87 -16.80
N GLY A 112 -7.33 7.13 -17.76
CA GLY A 112 -8.08 6.67 -18.90
C GLY A 112 -9.01 5.52 -18.52
N PRO A 113 -9.77 5.01 -19.50
CA PRO A 113 -10.75 3.97 -19.22
C PRO A 113 -10.12 2.86 -18.40
N ASP A 114 -8.84 2.67 -18.66
CA ASP A 114 -8.08 1.59 -18.07
C ASP A 114 -8.00 1.69 -16.56
N LYS A 115 -7.94 2.93 -16.07
CA LYS A 115 -7.65 3.16 -14.66
C LYS A 115 -8.90 3.48 -13.83
N LEU A 116 -10.06 3.50 -14.49
CA LEU A 116 -11.34 3.69 -13.82
C LEU A 116 -11.97 2.33 -13.53
N VAL A 117 -12.91 2.31 -12.60
CA VAL A 117 -13.66 1.09 -12.32
C VAL A 117 -14.62 0.85 -13.48
N ARG A 118 -14.42 -0.25 -14.20
CA ARG A 118 -15.15 -0.49 -15.45
C ARG A 118 -16.67 -0.51 -15.26
N ALA A 119 -17.16 -1.34 -14.35
CA ALA A 119 -18.59 -1.44 -14.11
C ALA A 119 -19.23 -0.07 -13.94
N ALA A 120 -18.51 0.83 -13.28
CA ALA A 120 -19.03 2.18 -13.04
C ALA A 120 -18.85 3.07 -14.25
N ALA A 121 -17.70 2.99 -14.91
CA ALA A 121 -17.43 3.83 -16.06
C ALA A 121 -18.36 3.48 -17.22
N GLU A 122 -18.98 2.31 -17.13
CA GLU A 122 -19.85 1.81 -18.19
C GLU A 122 -21.23 2.47 -18.10
N LYS A 123 -21.59 2.93 -16.91
CA LYS A 123 -22.92 3.47 -16.69
C LYS A 123 -22.98 4.99 -16.86
N ARG A 124 -24.17 5.54 -16.70
CA ARG A 124 -24.36 6.98 -16.78
C ARG A 124 -24.79 7.50 -15.42
N TRP A 125 -24.44 8.75 -15.14
CA TRP A 125 -24.57 9.26 -13.79
C TRP A 125 -24.92 10.74 -13.83
N ASP A 126 -25.69 11.20 -12.87
CA ASP A 126 -25.95 12.64 -12.77
C ASP A 126 -25.48 13.20 -11.44
N ARG A 127 -24.77 12.39 -10.68
CA ARG A 127 -24.07 12.85 -9.48
C ARG A 127 -22.59 12.49 -9.55
N VAL A 128 -21.73 13.49 -9.43
CA VAL A 128 -20.30 13.27 -9.39
C VAL A 128 -19.73 13.85 -8.08
N LYS A 129 -19.16 12.96 -7.26
CA LYS A 129 -18.59 13.37 -5.99
C LYS A 129 -17.07 13.23 -6.06
N ILE A 130 -16.38 14.35 -5.87
CA ILE A 130 -14.92 14.34 -5.84
C ILE A 130 -14.44 14.55 -4.39
N VAL A 131 -13.73 13.57 -3.84
CA VAL A 131 -13.30 13.64 -2.45
C VAL A 131 -11.81 13.90 -2.35
N CYS A 132 -11.45 14.98 -1.65
CA CYS A 132 -10.05 15.32 -1.45
C CYS A 132 -9.66 15.08 0.00
N SER A 133 -8.65 14.25 0.21
CA SER A 133 -8.22 13.95 1.58
C SER A 133 -6.82 14.46 1.81
N GLN A 134 -6.62 15.12 2.93
CA GLN A 134 -5.31 15.67 3.28
C GLN A 134 -5.16 15.73 4.80
N PRO A 135 -4.93 14.55 5.42
CA PRO A 135 -4.85 14.36 6.86
C PRO A 135 -3.55 14.91 7.43
N TYR A 136 -2.59 15.20 6.56
CA TYR A 136 -1.23 15.54 6.99
C TYR A 136 -1.00 17.04 6.99
N SER A 137 -1.90 17.77 6.35
CA SER A 137 -1.80 19.21 6.25
C SER A 137 -3.20 19.81 6.36
N LYS A 138 -3.88 19.48 7.46
CA LYS A 138 -5.26 19.91 7.70
C LYS A 138 -5.52 21.39 7.45
N ASP A 139 -4.54 22.22 7.76
CA ASP A 139 -4.77 23.67 7.78
C ASP A 139 -4.64 24.35 6.43
N SER A 140 -4.09 23.65 5.45
CA SER A 140 -3.98 24.22 4.10
C SER A 140 -5.36 24.18 3.44
N PRO A 141 -5.61 25.10 2.50
CA PRO A 141 -6.89 25.19 1.81
C PRO A 141 -6.90 24.22 0.64
N PHE A 142 -6.51 22.97 0.89
CA PHE A 142 -6.25 21.98 -0.15
C PHE A 142 -7.50 21.58 -0.93
N GLY A 143 -7.29 21.10 -2.14
CA GLY A 143 -8.38 20.66 -2.98
C GLY A 143 -7.82 20.28 -4.34
N LEU A 144 -8.48 20.74 -5.40
CA LEU A 144 -8.01 20.49 -6.76
C LEU A 144 -7.78 21.78 -7.50
N SER A 145 -6.83 21.77 -8.42
CA SER A 145 -6.71 22.89 -9.36
C SER A 145 -7.74 22.69 -10.44
N PHE A 146 -7.92 21.45 -10.84
CA PHE A 146 -8.89 21.15 -11.87
C PHE A 146 -9.25 19.67 -11.86
N VAL A 147 -10.43 19.38 -12.36
CA VAL A 147 -10.83 18.01 -12.66
C VAL A 147 -11.59 18.06 -13.96
N ARG A 148 -11.24 17.18 -14.89
CA ARG A 148 -11.91 17.12 -16.17
C ARG A 148 -12.48 15.73 -16.42
N PHE A 149 -13.69 15.70 -16.94
CA PHE A 149 -14.34 14.45 -17.27
C PHE A 149 -14.54 14.40 -18.77
N HIS A 150 -14.15 13.29 -19.37
CA HIS A 150 -14.26 13.12 -20.80
C HIS A 150 -15.38 12.16 -21.14
N SER A 151 -16.22 12.56 -22.08
CA SER A 151 -17.42 11.82 -22.42
C SER A 151 -17.54 11.68 -23.94
N PRO A 152 -18.21 10.61 -24.39
CA PRO A 152 -18.48 10.40 -25.82
C PRO A 152 -19.18 11.59 -26.46
N TYR B 1 15.54 -33.79 9.81
CA TYR B 1 14.78 -34.96 10.21
C TYR B 1 13.37 -34.57 10.63
N PHE B 2 12.78 -35.37 11.52
CA PHE B 2 11.45 -35.07 12.04
C PHE B 2 11.59 -34.31 13.35
N GLU B 3 12.23 -34.95 14.32
CA GLU B 3 12.46 -34.36 15.63
C GLU B 3 13.21 -33.03 15.56
N ASP B 4 13.95 -32.83 14.46
CA ASP B 4 14.74 -31.61 14.28
C ASP B 4 13.88 -30.36 14.14
N PHE B 5 12.79 -30.46 13.37
CA PHE B 5 11.95 -29.29 13.09
C PHE B 5 11.23 -28.79 14.32
N GLU B 6 11.07 -29.66 15.33
CA GLU B 6 10.38 -29.27 16.55
C GLU B 6 11.30 -28.61 17.58
N LYS B 7 12.61 -28.64 17.32
CA LYS B 7 13.57 -27.97 18.20
C LYS B 7 13.58 -26.46 17.97
N ARG B 8 13.92 -25.72 19.01
CA ARG B 8 14.05 -24.27 18.91
C ARG B 8 15.42 -23.91 18.38
N ILE B 9 15.50 -22.80 17.67
CA ILE B 9 16.75 -22.30 17.16
C ILE B 9 17.17 -21.13 18.02
N PRO B 10 18.27 -21.27 18.76
CA PRO B 10 18.76 -20.17 19.60
C PRO B 10 19.05 -18.97 18.72
N ARG B 11 18.85 -17.76 19.25
CA ARG B 11 19.08 -16.57 18.46
C ARG B 11 20.48 -16.60 17.87
N GLU B 12 21.44 -17.11 18.65
CA GLU B 12 22.82 -17.17 18.20
C GLU B 12 22.96 -17.91 16.88
N GLU B 13 22.30 -19.05 16.76
CA GLU B 13 22.31 -19.81 15.52
C GLU B 13 21.55 -19.08 14.41
N MET B 14 20.42 -18.49 14.76
CA MET B 14 19.68 -17.69 13.79
C MET B 14 20.58 -16.60 13.20
N LEU B 15 21.40 -16.00 14.04
CA LEU B 15 22.34 -14.98 13.60
C LEU B 15 23.39 -15.55 12.62
N GLN B 16 23.92 -16.72 12.94
CA GLN B 16 24.87 -17.37 12.02
C GLN B 16 24.17 -17.71 10.70
N MET B 17 22.92 -18.14 10.78
CA MET B 17 22.14 -18.53 9.60
C MET B 17 21.88 -17.32 8.72
N GLN B 18 21.56 -16.21 9.38
CA GLN B 18 21.29 -14.96 8.70
C GLN B 18 22.49 -14.52 7.87
N ASP B 19 23.68 -14.64 8.45
CA ASP B 19 24.91 -14.24 7.79
C ASP B 19 25.10 -15.03 6.51
N ILE B 20 24.93 -16.34 6.62
CA ILE B 20 25.07 -17.18 5.45
C ILE B 20 24.06 -16.76 4.39
N VAL B 21 22.81 -16.63 4.77
CA VAL B 21 21.81 -16.21 3.78
C VAL B 21 22.13 -14.84 3.18
N LEU B 22 22.39 -13.83 4.02
CA LEU B 22 22.66 -12.49 3.48
C LEU B 22 23.96 -12.40 2.67
N ASN B 23 25.02 -13.06 3.14
CA ASN B 23 26.28 -13.04 2.40
C ASN B 23 26.14 -13.65 1.01
N GLU B 24 25.55 -14.84 0.95
CA GLU B 24 25.39 -15.52 -0.32
C GLU B 24 24.51 -14.71 -1.27
N VAL B 25 23.47 -14.10 -0.71
CA VAL B 25 22.57 -13.28 -1.51
C VAL B 25 23.30 -12.05 -2.05
N LYS B 26 24.04 -11.37 -1.19
CA LYS B 26 24.78 -10.18 -1.58
C LYS B 26 25.83 -10.51 -2.65
N LYS B 27 26.50 -11.65 -2.47
CA LYS B 27 27.49 -12.12 -3.44
C LYS B 27 26.87 -12.39 -4.80
N LEU B 28 25.67 -12.97 -4.84
CA LEU B 28 24.99 -13.22 -6.11
C LEU B 28 24.71 -11.92 -6.87
N ASP B 29 24.21 -10.94 -6.14
CA ASP B 29 23.83 -9.65 -6.69
C ASP B 29 23.52 -8.71 -5.54
N PRO B 30 24.34 -7.65 -5.37
CA PRO B 30 24.19 -6.72 -4.25
C PRO B 30 22.88 -5.94 -4.30
N GLU B 31 22.19 -5.99 -5.43
CA GLU B 31 20.90 -5.33 -5.57
C GLU B 31 19.78 -6.12 -4.91
N TYR B 32 20.01 -7.43 -4.73
CA TYR B 32 19.11 -8.23 -3.91
C TYR B 32 18.97 -7.56 -2.55
N ILE B 33 17.79 -7.66 -1.95
CA ILE B 33 17.62 -7.35 -0.55
C ILE B 33 17.00 -8.56 0.14
N ALA B 34 17.60 -9.00 1.23
CA ALA B 34 17.05 -10.10 1.99
C ALA B 34 16.89 -9.68 3.44
N THR B 35 15.75 -10.01 4.01
CA THR B 35 15.54 -9.71 5.41
C THR B 35 15.00 -10.94 6.12
N VAL B 36 15.69 -11.36 7.18
CA VAL B 36 15.17 -12.40 8.03
C VAL B 36 14.11 -11.78 8.93
N CYS B 37 12.90 -12.31 8.86
CA CYS B 37 11.79 -11.72 9.58
C CYS B 37 11.37 -12.59 10.73
N GLY B 38 10.08 -12.64 11.02
CA GLY B 38 9.58 -13.45 12.12
C GLY B 38 10.02 -12.98 13.49
N SER B 39 9.85 -13.84 14.49
CA SER B 39 10.17 -13.47 15.86
C SER B 39 11.64 -13.05 15.95
N PHE B 40 12.48 -13.64 15.11
CA PHE B 40 13.88 -13.26 15.13
C PHE B 40 14.02 -11.76 14.94
N ARG B 41 13.33 -11.22 13.95
CA ARG B 41 13.42 -9.79 13.69
C ARG B 41 12.89 -8.98 14.87
N ARG B 42 11.94 -9.56 15.59
CA ARG B 42 11.41 -8.91 16.77
C ARG B 42 12.32 -9.06 17.98
N GLY B 43 13.43 -9.78 17.81
CA GLY B 43 14.42 -9.85 18.86
C GLY B 43 14.29 -11.05 19.78
N ALA B 44 13.50 -12.03 19.38
CA ALA B 44 13.26 -13.20 20.21
C ALA B 44 14.55 -13.96 20.48
N GLU B 45 14.67 -14.52 21.68
CA GLU B 45 15.86 -15.28 22.06
C GLU B 45 15.99 -16.58 21.28
N SER B 46 14.88 -17.02 20.68
CA SER B 46 14.89 -18.24 19.90
C SER B 46 13.77 -18.24 18.89
N SER B 47 13.90 -19.08 17.87
CA SER B 47 12.94 -19.16 16.78
C SER B 47 12.49 -20.59 16.50
N GLY B 48 11.36 -20.72 15.80
CA GLY B 48 10.84 -22.00 15.41
C GLY B 48 11.32 -22.40 14.02
N ASP B 49 11.78 -21.40 13.26
CA ASP B 49 12.24 -21.59 11.90
C ASP B 49 12.72 -20.24 11.37
N MET B 50 13.30 -20.24 10.18
CA MET B 50 13.82 -19.02 9.60
C MET B 50 12.99 -18.64 8.40
N ASP B 51 12.58 -17.38 8.37
CA ASP B 51 11.72 -16.89 7.32
C ASP B 51 12.39 -15.69 6.65
N VAL B 52 12.75 -15.86 5.38
CA VAL B 52 13.51 -14.86 4.65
C VAL B 52 12.68 -14.19 3.56
N LEU B 53 12.62 -12.86 3.58
CA LEU B 53 11.96 -12.15 2.49
C LEU B 53 12.99 -11.62 1.53
N LEU B 54 12.84 -12.01 0.27
CA LEU B 54 13.78 -11.65 -0.77
C LEU B 54 13.14 -10.70 -1.77
N THR B 55 13.85 -9.65 -2.13
CA THR B 55 13.39 -8.80 -3.22
C THR B 55 14.56 -8.35 -4.09
N HIS B 56 14.23 -7.83 -5.26
CA HIS B 56 15.22 -7.29 -6.18
C HIS B 56 14.54 -6.16 -6.94
N PRO B 57 15.22 -5.03 -7.13
CA PRO B 57 14.61 -3.94 -7.91
C PRO B 57 13.98 -4.42 -9.23
N ASN B 58 14.60 -5.39 -9.91
CA ASN B 58 14.07 -5.89 -11.19
C ASN B 58 12.73 -6.58 -11.09
N PHE B 59 12.36 -7.01 -9.89
CA PHE B 59 11.09 -7.70 -9.71
C PHE B 59 10.07 -6.81 -9.02
N THR B 60 9.01 -6.45 -9.75
CA THR B 60 7.97 -5.57 -9.24
C THR B 60 6.59 -6.10 -9.61
N SER B 61 5.57 -5.55 -8.96
CA SER B 61 4.17 -5.87 -9.26
C SER B 61 3.85 -5.83 -10.76
N GLU B 62 4.54 -4.94 -11.48
CA GLU B 62 4.22 -4.67 -12.87
C GLU B 62 5.06 -5.49 -13.85
N SER B 63 6.14 -6.09 -13.34
CA SER B 63 7.06 -6.83 -14.19
C SER B 63 6.59 -8.26 -14.41
N SER B 64 7.23 -8.95 -15.34
CA SER B 64 6.91 -10.34 -15.62
C SER B 64 7.46 -11.22 -14.51
N LYS B 65 7.02 -12.47 -14.49
CA LYS B 65 7.53 -13.46 -13.54
C LYS B 65 9.05 -13.54 -13.61
N GLN B 66 9.68 -13.70 -12.45
CA GLN B 66 11.13 -13.88 -12.38
C GLN B 66 11.49 -14.89 -11.30
N PRO B 67 11.16 -16.16 -11.55
CA PRO B 67 11.41 -17.27 -10.62
C PRO B 67 12.91 -17.50 -10.46
N LYS B 68 13.69 -17.14 -11.49
CA LYS B 68 15.12 -17.34 -11.45
C LYS B 68 15.73 -16.53 -10.32
N LEU B 69 15.11 -15.38 -10.05
CA LEU B 69 15.52 -14.52 -8.95
C LEU B 69 15.52 -15.27 -7.62
N LEU B 70 14.57 -16.19 -7.47
CA LEU B 70 14.53 -17.00 -6.25
C LEU B 70 15.35 -18.29 -6.42
N HIS B 71 15.17 -18.97 -7.54
CA HIS B 71 15.86 -20.24 -7.74
C HIS B 71 17.38 -20.06 -7.71
N ARG B 72 17.86 -18.95 -8.24
CA ARG B 72 19.28 -18.71 -8.26
C ARG B 72 19.82 -18.67 -6.84
N VAL B 73 19.05 -18.05 -5.95
CA VAL B 73 19.45 -17.93 -4.55
C VAL B 73 19.37 -19.26 -3.82
N VAL B 74 18.34 -20.04 -4.11
CA VAL B 74 18.13 -21.32 -3.45
C VAL B 74 19.22 -22.30 -3.88
N GLU B 75 19.52 -22.31 -5.17
CA GLU B 75 20.57 -23.17 -5.70
C GLU B 75 21.94 -22.83 -5.11
N GLN B 76 22.21 -21.54 -4.91
CA GLN B 76 23.49 -21.15 -4.35
C GLN B 76 23.63 -21.60 -2.90
N LEU B 77 22.54 -21.55 -2.15
CA LEU B 77 22.58 -21.93 -0.75
C LEU B 77 22.69 -23.44 -0.65
N GLN B 78 22.21 -24.14 -1.68
CA GLN B 78 22.47 -25.56 -1.81
C GLN B 78 23.96 -25.79 -2.09
N LYS B 79 24.53 -25.00 -2.99
CA LYS B 79 25.94 -25.15 -3.37
C LYS B 79 26.88 -24.98 -2.19
N VAL B 80 26.56 -24.06 -1.28
CA VAL B 80 27.38 -23.85 -0.11
C VAL B 80 26.94 -24.72 1.05
N ARG B 81 26.07 -25.69 0.75
CA ARG B 81 25.68 -26.73 1.70
C ARG B 81 24.83 -26.21 2.88
N PHE B 82 24.22 -25.05 2.71
CA PHE B 82 23.37 -24.52 3.76
C PHE B 82 21.95 -25.08 3.69
N ILE B 83 21.34 -24.99 2.51
CA ILE B 83 20.06 -25.64 2.30
C ILE B 83 20.33 -27.11 2.01
N THR B 84 19.84 -27.97 2.88
CA THR B 84 20.10 -29.40 2.78
C THR B 84 18.92 -30.17 2.20
N ASP B 85 17.80 -29.50 2.00
CA ASP B 85 16.61 -30.21 1.53
C ASP B 85 15.54 -29.27 0.97
N THR B 86 14.77 -29.77 0.01
CA THR B 86 13.70 -28.98 -0.60
C THR B 86 12.35 -29.63 -0.33
N LEU B 87 11.45 -28.89 0.31
CA LEU B 87 10.09 -29.35 0.56
C LEU B 87 9.12 -28.80 -0.49
N SER B 88 9.14 -27.50 -0.72
CA SER B 88 8.33 -26.92 -1.78
C SER B 88 9.16 -25.99 -2.62
N LYS B 89 9.14 -26.20 -3.93
CA LYS B 89 9.87 -25.35 -4.85
C LYS B 89 8.84 -24.57 -5.63
N GLY B 90 8.66 -23.29 -5.29
CA GLY B 90 7.65 -22.46 -5.94
C GLY B 90 8.32 -21.38 -6.76
N GLU B 91 7.52 -20.65 -7.53
CA GLU B 91 8.04 -19.53 -8.32
C GLU B 91 8.43 -18.35 -7.44
N THR B 92 7.67 -18.15 -6.36
CA THR B 92 7.87 -17.00 -5.49
C THR B 92 8.14 -17.42 -4.04
N LYS B 93 7.93 -18.68 -3.74
CA LYS B 93 8.25 -19.17 -2.40
C LYS B 93 8.98 -20.48 -2.42
N PHE B 94 10.09 -20.54 -1.69
CA PHE B 94 10.77 -21.79 -1.43
C PHE B 94 10.54 -22.19 0.03
N MET B 95 10.17 -23.45 0.24
CA MET B 95 10.11 -23.99 1.58
C MET B 95 11.03 -25.21 1.72
N GLY B 96 12.00 -25.12 2.63
CA GLY B 96 12.97 -26.20 2.74
C GLY B 96 13.63 -26.39 4.07
N VAL B 97 14.75 -27.11 4.04
CA VAL B 97 15.52 -27.44 5.22
C VAL B 97 16.95 -26.93 5.05
N CYS B 98 17.54 -26.46 6.14
CA CYS B 98 18.89 -25.93 6.08
C CYS B 98 19.65 -26.38 7.30
N GLN B 99 20.95 -26.16 7.29
CA GLN B 99 21.78 -26.55 8.42
C GLN B 99 23.08 -25.77 8.44
N LEU B 100 23.47 -25.32 9.62
CA LEU B 100 24.71 -24.59 9.78
C LEU B 100 25.90 -25.53 9.59
N PRO B 101 27.04 -24.98 9.17
CA PRO B 101 28.26 -25.76 8.98
C PRO B 101 28.91 -26.08 10.31
N SER B 102 29.52 -27.26 10.41
CA SER B 102 30.33 -27.61 11.57
C SER B 102 31.65 -28.19 11.09
N GLU B 103 32.65 -28.19 11.97
CA GLU B 103 33.98 -28.71 11.66
C GLU B 103 33.98 -30.23 11.43
N ASN B 104 35.06 -30.73 10.84
CA ASN B 104 35.18 -32.16 10.56
C ASN B 104 34.96 -33.00 11.81
N ASP B 105 35.27 -32.43 12.97
CA ASP B 105 35.17 -33.15 14.24
C ASP B 105 34.03 -32.61 15.12
N GLU B 106 33.67 -31.35 14.91
CA GLU B 106 32.59 -30.70 15.66
C GLU B 106 31.25 -31.40 15.42
N ASN B 107 30.37 -31.35 16.42
CA ASN B 107 29.04 -31.96 16.32
C ASN B 107 28.09 -31.21 15.39
N GLU B 108 27.38 -31.96 14.56
CA GLU B 108 26.49 -31.38 13.56
C GLU B 108 25.31 -30.62 14.18
N TYR B 109 24.94 -29.50 13.57
CA TYR B 109 23.78 -28.72 14.01
C TYR B 109 22.50 -29.37 13.52
N PRO B 110 21.39 -29.13 14.21
CA PRO B 110 20.08 -29.67 13.80
C PRO B 110 19.63 -29.07 12.47
N HIS B 111 18.88 -29.84 11.69
CA HIS B 111 18.27 -29.32 10.48
C HIS B 111 17.13 -28.38 10.84
N ARG B 112 17.02 -27.29 10.09
CA ARG B 112 16.04 -26.25 10.40
C ARG B 112 15.18 -25.94 9.20
N ARG B 113 13.89 -25.75 9.44
CA ARG B 113 12.99 -25.33 8.37
C ARG B 113 13.29 -23.89 7.99
N ILE B 114 13.26 -23.62 6.69
CA ILE B 114 13.51 -22.28 6.19
C ILE B 114 12.56 -22.01 5.05
N ASP B 115 11.94 -20.83 5.06
CA ASP B 115 11.11 -20.39 3.97
C ASP B 115 11.81 -19.20 3.36
N ILE B 116 11.82 -19.14 2.02
CA ILE B 116 12.30 -17.97 1.34
C ILE B 116 11.24 -17.49 0.37
N ARG B 117 10.76 -16.27 0.56
CA ARG B 117 9.77 -15.70 -0.35
C ARG B 117 10.38 -14.58 -1.18
N LEU B 118 10.14 -14.64 -2.49
CA LEU B 118 10.50 -13.56 -3.40
C LEU B 118 9.31 -12.61 -3.49
N ILE B 119 9.53 -11.35 -3.18
CA ILE B 119 8.46 -10.35 -3.11
C ILE B 119 8.75 -9.17 -4.03
N PRO B 120 7.74 -8.71 -4.77
CA PRO B 120 7.96 -7.55 -5.63
C PRO B 120 8.48 -6.39 -4.80
N LYS B 121 9.42 -5.65 -5.36
CA LYS B 121 10.06 -4.52 -4.67
C LYS B 121 9.06 -3.53 -4.07
N ASP B 122 8.01 -3.24 -4.80
CA ASP B 122 7.04 -2.22 -4.37
C ASP B 122 6.10 -2.77 -3.29
N GLN B 123 6.22 -4.05 -2.96
CA GLN B 123 5.39 -4.68 -1.93
C GLN B 123 6.24 -5.16 -0.78
N TYR B 124 7.52 -4.83 -0.84
CA TYR B 124 8.48 -5.44 0.06
C TYR B 124 8.30 -5.06 1.52
N TYR B 125 8.25 -3.77 1.80
CA TYR B 125 8.18 -3.34 3.19
C TYR B 125 6.86 -3.68 3.86
N CYS B 126 5.77 -3.68 3.09
CA CYS B 126 4.52 -4.22 3.59
C CYS B 126 4.68 -5.70 3.95
N GLY B 127 5.48 -6.41 3.17
CA GLY B 127 5.75 -7.80 3.45
C GLY B 127 6.59 -7.95 4.69
N VAL B 128 7.61 -7.10 4.81
CA VAL B 128 8.52 -7.17 5.94
C VAL B 128 7.75 -6.88 7.24
N LEU B 129 6.89 -5.88 7.19
CA LEU B 129 6.03 -5.57 8.32
C LEU B 129 5.15 -6.76 8.65
N TYR B 130 4.43 -7.26 7.66
CA TYR B 130 3.53 -8.38 7.88
C TYR B 130 4.24 -9.57 8.51
N PHE B 131 5.36 -9.98 7.90
CA PHE B 131 6.01 -11.20 8.32
C PHE B 131 6.87 -11.05 9.58
N THR B 132 7.11 -9.81 9.99
CA THR B 132 7.76 -9.54 11.27
C THR B 132 6.77 -9.74 12.43
N GLY B 133 5.52 -9.30 12.24
CA GLY B 133 4.51 -9.43 13.26
C GLY B 133 4.85 -8.56 14.44
N SER B 134 4.41 -8.92 15.65
CA SER B 134 3.74 -10.19 15.90
C SER B 134 2.32 -10.21 15.33
N ASP B 135 1.67 -11.36 15.42
CA ASP B 135 0.30 -11.50 14.96
C ASP B 135 -0.59 -10.51 15.69
N ILE B 136 -0.40 -10.40 16.99
CA ILE B 136 -1.19 -9.51 17.82
C ILE B 136 -0.88 -8.06 17.43
N PHE B 137 0.41 -7.74 17.34
CA PHE B 137 0.82 -6.46 16.80
C PHE B 137 0.15 -6.11 15.46
N ASN B 138 0.27 -7.00 14.49
CA ASN B 138 -0.37 -6.81 13.19
C ASN B 138 -1.87 -6.56 13.32
N LYS B 139 -2.51 -7.28 14.23
CA LYS B 139 -3.95 -7.14 14.41
C LYS B 139 -4.26 -5.74 14.92
N ASN B 140 -3.47 -5.30 15.89
CA ASN B 140 -3.63 -3.98 16.47
C ASN B 140 -3.33 -2.91 15.44
N MET B 141 -2.26 -3.10 14.68
CA MET B 141 -1.91 -2.15 13.65
C MET B 141 -2.98 -2.04 12.57
N ARG B 142 -3.50 -3.17 12.11
CA ARG B 142 -4.58 -3.14 11.11
C ARG B 142 -5.81 -2.40 11.63
N ALA B 143 -6.16 -2.65 12.89
CA ALA B 143 -7.34 -2.02 13.46
C ALA B 143 -7.16 -0.51 13.47
N HIS B 144 -6.00 -0.05 13.96
CA HIS B 144 -5.76 1.38 14.00
C HIS B 144 -5.77 1.93 12.57
N ALA B 145 -5.19 1.18 11.64
CA ALA B 145 -5.12 1.64 10.27
C ALA B 145 -6.53 1.83 9.70
N LEU B 146 -7.42 0.89 10.00
CA LEU B 146 -8.80 0.99 9.51
C LEU B 146 -9.46 2.24 10.04
N GLU B 147 -9.37 2.41 11.36
CA GLU B 147 -9.89 3.60 12.02
C GLU B 147 -9.46 4.87 11.28
N LYS B 148 -8.28 4.85 10.67
CA LYS B 148 -7.72 6.04 10.04
C LYS B 148 -8.03 6.09 8.55
N GLY B 149 -8.76 5.09 8.07
CA GLY B 149 -9.09 5.01 6.66
C GLY B 149 -8.03 4.37 5.78
N PHE B 150 -7.36 3.35 6.31
CA PHE B 150 -6.39 2.59 5.53
C PHE B 150 -6.59 1.12 5.74
N THR B 151 -6.35 0.35 4.70
CA THR B 151 -6.32 -1.08 4.84
C THR B 151 -4.89 -1.56 4.58
N ILE B 152 -4.31 -2.22 5.56
CA ILE B 152 -2.99 -2.80 5.41
C ILE B 152 -3.08 -4.32 5.31
N ASN B 153 -2.51 -4.89 4.26
CA ASN B 153 -2.34 -6.34 4.21
C ASN B 153 -0.88 -6.70 3.99
N GLU B 154 -0.63 -7.95 3.64
CA GLU B 154 0.72 -8.44 3.42
C GLU B 154 1.40 -7.70 2.26
N TYR B 155 0.60 -7.14 1.37
CA TYR B 155 1.14 -6.61 0.13
C TYR B 155 1.23 -5.10 0.06
N THR B 156 0.21 -4.45 0.59
CA THR B 156 0.02 -3.04 0.31
C THR B 156 -0.65 -2.33 1.47
N ILE B 157 -0.51 -1.00 1.47
CA ILE B 157 -1.36 -0.15 2.28
C ILE B 157 -2.15 0.71 1.31
N ARG B 158 -3.47 0.68 1.46
CA ARG B 158 -4.38 1.39 0.56
C ARG B 158 -5.32 2.33 1.32
N PRO B 159 -5.55 3.53 0.78
CA PRO B 159 -6.52 4.43 1.41
C PRO B 159 -7.91 3.92 1.12
N LEU B 160 -8.77 3.89 2.13
CA LEU B 160 -10.18 3.57 1.94
C LEU B 160 -10.98 4.82 1.61
N GLY B 161 -11.80 4.74 0.56
CA GLY B 161 -12.66 5.83 0.16
C GLY B 161 -13.86 6.03 1.07
N VAL B 162 -14.71 6.99 0.71
CA VAL B 162 -15.84 7.36 1.58
C VAL B 162 -16.95 6.30 1.65
N THR B 163 -16.97 5.38 0.69
CA THR B 163 -17.88 4.25 0.77
C THR B 163 -17.14 2.96 1.15
N GLY B 164 -15.90 3.09 1.59
CA GLY B 164 -15.14 1.96 2.09
C GLY B 164 -14.38 1.16 1.03
N VAL B 165 -14.26 1.70 -0.16
CA VAL B 165 -13.55 1.04 -1.24
C VAL B 165 -12.07 1.39 -1.24
N ALA B 166 -11.24 0.38 -1.05
CA ALA B 166 -9.79 0.55 -1.03
C ALA B 166 -9.26 1.20 -2.31
N GLY B 167 -8.34 2.14 -2.16
CA GLY B 167 -7.77 2.84 -3.29
C GLY B 167 -6.51 2.17 -3.79
N GLU B 168 -5.71 2.88 -4.58
CA GLU B 168 -4.51 2.31 -5.18
C GLU B 168 -3.46 2.07 -4.11
N PRO B 169 -2.60 1.04 -4.30
CA PRO B 169 -1.52 0.81 -3.36
C PRO B 169 -0.69 2.08 -3.23
N LEU B 170 -0.34 2.45 -2.01
CA LEU B 170 0.47 3.62 -1.78
C LEU B 170 1.93 3.26 -1.82
N PRO B 171 2.75 4.14 -2.41
CA PRO B 171 4.20 3.91 -2.54
C PRO B 171 4.85 3.85 -1.16
N VAL B 172 5.47 2.73 -0.85
CA VAL B 172 6.12 2.49 0.43
C VAL B 172 7.60 2.19 0.20
N ASP B 173 8.48 3.02 0.75
N ASP B 173 8.49 3.01 0.75
CA ASP B 173 9.92 2.83 0.58
CA ASP B 173 9.92 2.81 0.58
C ASP B 173 10.57 2.30 1.85
C ASP B 173 10.57 2.29 1.85
N SER B 174 9.75 2.10 2.89
CA SER B 174 10.23 1.60 4.16
C SER B 174 9.06 1.25 5.05
N GLU B 175 9.33 0.52 6.13
CA GLU B 175 8.32 0.29 7.14
C GLU B 175 7.86 1.62 7.71
N GLN B 176 8.82 2.51 7.98
CA GLN B 176 8.51 3.85 8.47
C GLN B 176 7.44 4.56 7.64
N ASP B 177 7.52 4.42 6.31
CA ASP B 177 6.51 5.06 5.46
C ASP B 177 5.10 4.59 5.79
N ILE B 178 4.96 3.33 6.17
CA ILE B 178 3.64 2.77 6.44
C ILE B 178 3.04 3.37 7.69
N PHE B 179 3.85 3.48 8.74
CA PHE B 179 3.39 4.06 9.99
C PHE B 179 3.02 5.50 9.74
N ASP B 180 3.75 6.16 8.85
CA ASP B 180 3.52 7.56 8.58
C ASP B 180 2.11 7.77 8.03
N TYR B 181 1.74 6.97 7.04
CA TYR B 181 0.40 7.08 6.45
C TYR B 181 -0.70 7.02 7.51
N ILE B 182 -0.57 6.10 8.46
CA ILE B 182 -1.61 5.94 9.46
C ILE B 182 -1.36 6.79 10.70
N GLN B 183 -0.33 7.62 10.64
CA GLN B 183 -0.01 8.55 11.71
C GLN B 183 0.16 7.85 13.07
N TRP B 184 0.87 6.72 13.05
CA TRP B 184 1.28 6.02 14.26
C TRP B 184 2.75 6.31 14.43
N ARG B 185 3.21 6.57 15.65
CA ARG B 185 4.65 6.70 15.81
C ARG B 185 5.27 5.33 15.58
N TYR B 186 6.39 5.34 14.84
CA TYR B 186 7.08 4.13 14.47
C TYR B 186 7.34 3.20 15.65
N ARG B 187 7.08 1.91 15.45
CA ARG B 187 7.45 0.92 16.43
C ARG B 187 8.59 0.16 15.82
N GLU B 188 9.76 0.24 16.44
CA GLU B 188 10.91 -0.52 16.01
C GLU B 188 10.55 -2.01 15.98
N PRO B 189 11.12 -2.75 15.01
CA PRO B 189 10.91 -4.18 14.83
C PRO B 189 10.95 -4.97 16.15
N LYS B 190 11.80 -4.56 17.08
CA LYS B 190 11.95 -5.27 18.35
C LYS B 190 11.04 -4.72 19.42
N ASP B 191 10.08 -3.90 19.00
CA ASP B 191 9.12 -3.28 19.88
C ASP B 191 7.72 -3.64 19.41
N ARG B 192 7.55 -4.89 18.97
CA ARG B 192 6.31 -5.28 18.34
C ARG B 192 5.72 -6.57 18.91
N SER B 193 5.85 -6.75 20.22
CA SER B 193 5.27 -7.91 20.89
C SER B 193 3.75 -7.88 20.81
N GLU B 194 3.18 -6.68 20.82
CA GLU B 194 1.73 -6.49 20.91
C GLU B 194 1.29 -5.19 20.22
#